data_1QLW
#
_entry.id   1QLW
#
_cell.length_a   134.730
_cell.length_b   55.600
_cell.length_c   110.200
_cell.angle_alpha   90.00
_cell.angle_beta   125.06
_cell.angle_gamma   90.00
#
_symmetry.space_group_name_H-M   'C 1 2 1'
#
loop_
_entity.id
_entity.type
_entity.pdbx_description
1 polymer ESTERASE
2 non-polymer 'SULFATE ION'
3 water water
#
_entity_poly.entity_id   1
_entity_poly.type   'polypeptide(L)'
_entity_poly.pdbx_seq_one_letter_code
;APPPVPKTPAGPLTLSGQGSFFVGGRDVTSETLSLSPKYDAHGTVTVDQMYVRYQIPQRAKRYPITLIHGCCLTGMTWET
TPDGRMGWDEYFLRKGYSTYVIDQSGRGRSATDISAINAVKLGKAPASSLPDLFAAGHEAAWAIFRFGPRYPDAFKDTQF
PVQAQAELWQQMVPDWLGSMPTPNPTVANLSKLAIKLDGTVLLSHSQSGIYPFQTAAMNPKGITAIVSVEPGECPKPEDV
KPLTSIPVLVVFGDHIEEFPRWAPRLKACHAFIDALNAAGGKGQLMSLPALGVHGNSHMMMQDRNNLQVADLILDWIGRN
TAKPAHGR
;
_entity_poly.pdbx_strand_id   A,B
#
# COMPACT_ATOMS: atom_id res chain seq x y z
N VAL A 5 12.82 -12.71 26.16
CA VAL A 5 11.69 -12.93 25.26
C VAL A 5 10.39 -12.56 25.96
N PRO A 6 9.75 -11.51 25.46
CA PRO A 6 8.50 -11.02 26.02
C PRO A 6 7.31 -11.86 25.60
N LYS A 7 6.30 -11.90 26.47
CA LYS A 7 5.07 -12.59 26.07
C LYS A 7 4.40 -11.66 25.04
N THR A 8 3.74 -12.26 24.06
CA THR A 8 3.02 -11.42 23.08
C THR A 8 1.85 -10.74 23.78
N PRO A 9 1.76 -9.43 23.66
CA PRO A 9 0.68 -8.71 24.32
C PRO A 9 -0.67 -9.21 23.85
N ALA A 10 -1.59 -9.45 24.78
CA ALA A 10 -2.91 -9.94 24.45
C ALA A 10 -3.95 -8.82 24.53
N GLY A 11 -5.13 -9.13 24.03
CA GLY A 11 -6.25 -8.22 24.08
C GLY A 11 -6.27 -7.13 23.03
N PRO A 12 -7.25 -6.24 23.18
CA PRO A 12 -7.48 -5.20 22.20
C PRO A 12 -6.46 -4.08 22.26
N LEU A 13 -6.45 -3.25 21.23
CA LEU A 13 -5.60 -2.06 21.18
C LEU A 13 -6.51 -0.85 21.00
N THR A 14 -6.24 0.19 21.79
CA THR A 14 -6.99 1.44 21.70
C THR A 14 -6.09 2.49 21.06
N LEU A 15 -6.64 3.13 20.04
CA LEU A 15 -5.92 4.21 19.41
C LEU A 15 -6.62 5.54 19.60
N SER A 16 -5.79 6.54 19.87
CA SER A 16 -6.27 7.91 19.96
C SER A 16 -6.61 8.37 18.55
N GLY A 17 -5.87 7.93 17.55
CA GLY A 17 -6.18 8.32 16.17
C GLY A 17 -5.43 7.45 15.19
N GLN A 18 -5.84 7.59 13.93
CA GLN A 18 -5.22 6.87 12.84
C GLN A 18 -5.54 7.63 11.55
N GLY A 19 -4.73 7.39 10.54
CA GLY A 19 -5.00 8.06 9.28
C GLY A 19 -3.87 7.80 8.29
N SER A 20 -3.96 8.52 7.19
CA SER A 20 -3.05 8.38 6.07
C SER A 20 -2.91 9.72 5.37
N PHE A 21 -1.73 9.96 4.80
CA PHE A 21 -1.50 11.18 4.04
C PHE A 21 -0.27 10.93 3.15
N PHE A 22 0.03 11.90 2.32
CA PHE A 22 1.22 11.82 1.49
C PHE A 22 2.13 13.00 1.78
N VAL A 23 3.42 12.77 1.56
CA VAL A 23 4.44 13.80 1.69
C VAL A 23 5.11 14.00 0.33
N GLY A 24 5.23 15.26 -0.06
CA GLY A 24 6.04 15.60 -1.23
C GLY A 24 5.36 15.30 -2.55
N GLY A 25 6.21 15.08 -3.54
CA GLY A 25 5.77 14.90 -4.93
C GLY A 25 6.17 16.11 -5.78
N ARG A 26 6.23 15.85 -7.07
CA ARG A 26 6.49 16.84 -8.09
C ARG A 26 5.52 16.59 -9.24
N ASP A 27 5.12 17.67 -9.92
CA ASP A 27 4.22 17.55 -11.06
C ASP A 27 5.02 17.41 -12.34
N VAL A 28 4.62 16.46 -13.18
CA VAL A 28 5.25 16.13 -14.44
C VAL A 28 4.21 16.26 -15.55
N THR A 29 4.56 16.98 -16.61
CA THR A 29 3.70 17.04 -17.78
C THR A 29 4.16 15.97 -18.75
N SER A 30 3.27 15.08 -19.12
CA SER A 30 3.60 13.94 -19.95
C SER A 30 2.76 13.94 -21.23
N GLU A 31 3.32 13.36 -22.26
CA GLU A 31 2.65 13.17 -23.54
C GLU A 31 2.25 11.72 -23.74
N THR A 32 2.57 10.82 -22.81
CA THR A 32 2.36 9.40 -23.03
C THR A 32 1.71 8.72 -21.83
N LEU A 33 0.68 9.36 -21.24
CA LEU A 33 0.01 8.78 -20.09
C LEU A 33 -0.90 7.63 -20.41
N SER A 34 -1.27 7.47 -21.68
CA SER A 34 -2.30 6.50 -22.05
C SER A 34 -2.07 6.06 -23.49
N LEU A 35 -2.51 4.86 -23.78
CA LEU A 35 -2.57 4.29 -25.10
C LEU A 35 -4.00 4.24 -25.64
N SER A 36 -4.98 4.67 -24.83
CA SER A 36 -6.37 4.61 -25.32
C SER A 36 -7.10 5.91 -25.03
N PRO A 37 -8.23 6.08 -25.72
CA PRO A 37 -9.03 7.28 -25.57
C PRO A 37 -9.78 7.40 -24.25
N LYS A 38 -9.81 6.35 -23.42
CA LYS A 38 -10.47 6.44 -22.12
C LYS A 38 -9.77 7.41 -21.20
N TYR A 39 -8.45 7.58 -21.33
CA TYR A 39 -7.65 8.45 -20.49
C TYR A 39 -6.77 9.31 -21.39
N ASP A 40 -6.72 10.62 -21.16
CA ASP A 40 -5.91 11.51 -21.99
C ASP A 40 -4.43 11.16 -21.98
N ALA A 41 -3.77 11.09 -23.13
CA ALA A 41 -2.34 10.82 -23.18
C ALA A 41 -1.51 12.04 -22.72
N HIS A 42 -2.00 13.24 -22.98
CA HIS A 42 -1.31 14.45 -22.54
C HIS A 42 -1.92 14.87 -21.21
N GLY A 43 -1.13 15.10 -20.18
CA GLY A 43 -1.68 15.55 -18.91
C GLY A 43 -0.57 15.67 -17.88
N THR A 44 -0.96 16.09 -16.70
CA THR A 44 -0.03 16.31 -15.61
C THR A 44 -0.28 15.28 -14.53
N VAL A 45 0.80 14.64 -14.05
CA VAL A 45 0.71 13.68 -12.97
C VAL A 45 1.63 14.13 -11.83
N THR A 46 1.32 13.67 -10.63
CA THR A 46 2.20 13.86 -9.47
C THR A 46 2.96 12.58 -9.24
N VAL A 47 4.28 12.68 -9.11
CA VAL A 47 5.15 11.53 -8.88
C VAL A 47 6.15 11.87 -7.78
N ASP A 48 6.74 10.86 -7.18
CA ASP A 48 7.75 10.93 -6.12
C ASP A 48 7.19 11.16 -4.71
N GLN A 49 5.89 11.36 -4.57
CA GLN A 49 5.26 11.50 -3.27
C GLN A 49 5.39 10.19 -2.49
N MET A 50 5.30 10.31 -1.16
CA MET A 50 5.48 9.18 -0.25
C MET A 50 4.21 8.96 0.57
N TYR A 51 3.63 7.79 0.48
CA TYR A 51 2.50 7.36 1.30
C TYR A 51 2.92 7.16 2.75
N VAL A 52 2.11 7.65 3.67
CA VAL A 52 2.33 7.53 5.10
C VAL A 52 1.04 7.08 5.78
N ARG A 53 1.09 5.98 6.52
CA ARG A 53 -0.04 5.52 7.35
C ARG A 53 0.38 5.70 8.79
N TYR A 54 -0.41 6.40 9.61
CA TYR A 54 -0.09 6.65 11.00
C TYR A 54 -1.13 6.04 11.92
N GLN A 55 -0.64 5.60 13.08
CA GLN A 55 -1.48 5.12 14.17
C GLN A 55 -0.92 5.72 15.46
N ILE A 56 -1.81 6.23 16.29
CA ILE A 56 -1.40 6.98 17.48
C ILE A 56 -2.06 6.34 18.70
N PRO A 57 -1.28 5.77 19.59
CA PRO A 57 -1.82 5.16 20.81
C PRO A 57 -2.29 6.25 21.74
N GLN A 58 -3.01 5.86 22.79
CA GLN A 58 -3.37 6.83 23.82
C GLN A 58 -2.12 7.30 24.55
N ARG A 59 -2.06 8.57 24.91
CA ARG A 59 -0.95 9.12 25.69
C ARG A 59 0.37 8.75 25.05
N ALA A 60 0.49 8.99 23.75
CA ALA A 60 1.66 8.53 23.03
C ALA A 60 2.94 9.15 23.55
N LYS A 61 4.01 8.39 23.46
CA LYS A 61 5.33 8.89 23.82
C LYS A 61 5.66 10.07 22.91
N ARG A 62 6.57 10.91 23.40
CA ARG A 62 6.86 12.18 22.74
C ARG A 62 7.29 12.04 21.28
N TYR A 63 8.11 11.04 20.97
CA TYR A 63 8.63 10.90 19.62
C TYR A 63 8.06 9.70 18.90
N PRO A 64 7.34 9.92 17.81
CA PRO A 64 6.88 8.80 17.00
C PRO A 64 8.04 8.05 16.34
N ILE A 65 7.81 6.81 15.97
CA ILE A 65 8.75 6.03 15.19
C ILE A 65 8.24 5.97 13.75
N THR A 66 9.11 6.34 12.81
CA THR A 66 8.83 6.22 11.39
C THR A 66 9.55 4.97 10.88
N LEU A 67 8.80 4.03 10.32
CA LEU A 67 9.29 2.75 9.84
C LEU A 67 9.43 2.75 8.33
N ILE A 68 10.63 2.44 7.85
CA ILE A 68 11.04 2.64 6.47
C ILE A 68 11.56 1.33 5.88
N HIS A 69 10.76 0.69 5.04
CA HIS A 69 11.11 -0.60 4.45
C HIS A 69 12.27 -0.47 3.46
N GLY A 70 12.82 -1.63 3.11
CA GLY A 70 13.92 -1.73 2.18
C GLY A 70 13.51 -2.23 0.80
N CYS A 71 14.43 -2.92 0.11
CA CYS A 71 14.18 -3.29 -1.27
C CYS A 71 13.05 -4.29 -1.39
N CYS A 72 12.40 -4.30 -2.55
CA CYS A 72 11.63 -5.46 -2.96
C CYS A 72 10.40 -5.71 -2.10
N LEU A 73 10.02 -4.74 -1.28
CA LEU A 73 9.04 -4.86 -0.22
C LEU A 73 8.32 -3.52 -0.09
N THR A 74 7.29 -3.51 0.72
CA THR A 74 6.54 -2.29 1.02
C THR A 74 6.45 -2.15 2.54
N GLY A 75 5.62 -1.22 3.01
CA GLY A 75 5.39 -1.06 4.44
C GLY A 75 4.75 -2.28 5.07
N MET A 76 4.20 -3.20 4.26
CA MET A 76 3.80 -4.51 4.76
C MET A 76 4.91 -5.18 5.55
N THR A 77 6.17 -4.89 5.30
CA THR A 77 7.30 -5.43 6.03
C THR A 77 7.01 -5.47 7.53
N TRP A 78 6.44 -4.40 8.05
CA TRP A 78 6.29 -4.17 9.47
C TRP A 78 4.96 -4.60 10.05
N GLU A 79 4.04 -5.04 9.17
CA GLU A 79 2.67 -5.39 9.56
C GLU A 79 2.65 -6.83 10.05
N THR A 80 1.54 -7.55 9.98
CA THR A 80 1.52 -8.94 10.43
C THR A 80 2.64 -9.70 9.74
N THR A 81 3.32 -10.56 10.51
CA THR A 81 4.39 -11.34 9.89
C THR A 81 3.83 -12.32 8.88
N PRO A 82 4.68 -12.89 8.02
CA PRO A 82 4.20 -13.86 7.03
C PRO A 82 3.47 -15.04 7.62
N ASP A 83 3.83 -15.47 8.83
CA ASP A 83 3.19 -16.58 9.52
C ASP A 83 2.08 -16.15 10.47
N GLY A 84 1.65 -14.90 10.41
CA GLY A 84 0.45 -14.47 11.11
C GLY A 84 0.63 -13.86 12.47
N ARG A 85 1.85 -13.58 12.89
CA ARG A 85 2.11 -13.04 14.21
C ARG A 85 2.15 -11.51 14.19
N MET A 86 2.11 -10.95 15.39
CA MET A 86 2.22 -9.51 15.57
C MET A 86 3.55 -9.01 15.01
N GLY A 87 3.46 -7.94 14.26
CA GLY A 87 4.64 -7.30 13.70
C GLY A 87 5.08 -6.13 14.60
N TRP A 88 6.15 -5.48 14.16
CA TRP A 88 6.69 -4.36 14.91
C TRP A 88 5.77 -3.17 14.91
N ASP A 89 5.03 -2.91 13.83
CA ASP A 89 4.12 -1.76 13.87
C ASP A 89 3.13 -1.85 15.02
N GLU A 90 2.40 -2.98 15.10
CA GLU A 90 1.44 -3.18 16.18
C GLU A 90 2.13 -3.24 17.53
N TYR A 91 3.28 -3.90 17.61
CA TYR A 91 3.98 -4.00 18.89
C TYR A 91 4.40 -2.63 19.40
N PHE A 92 4.93 -1.79 18.50
CA PHE A 92 5.36 -0.45 18.89
C PHE A 92 4.16 0.35 19.40
N LEU A 93 3.01 0.23 18.73
CA LEU A 93 1.80 0.92 19.19
C LEU A 93 1.42 0.46 20.59
N ARG A 94 1.48 -0.85 20.83
CA ARG A 94 1.14 -1.43 22.13
C ARG A 94 2.13 -1.00 23.21
N LYS A 95 3.36 -0.67 22.82
CA LYS A 95 4.37 -0.15 23.71
C LYS A 95 4.27 1.35 23.89
N GLY A 96 3.30 2.00 23.26
CA GLY A 96 3.04 3.40 23.49
C GLY A 96 3.64 4.37 22.51
N TYR A 97 4.23 3.87 21.41
CA TYR A 97 4.78 4.75 20.40
C TYR A 97 3.80 4.92 19.24
N SER A 98 3.63 6.17 18.83
CA SER A 98 3.00 6.43 17.54
C SER A 98 3.87 5.90 16.41
N THR A 99 3.23 5.38 15.39
CA THR A 99 3.96 4.82 14.26
C THR A 99 3.53 5.49 12.96
N TYR A 100 4.54 5.75 12.13
CA TYR A 100 4.34 6.31 10.78
C TYR A 100 4.99 5.32 9.83
N VAL A 101 4.20 4.55 9.11
CA VAL A 101 4.71 3.46 8.26
C VAL A 101 4.56 3.92 6.81
N ILE A 102 5.69 4.04 6.12
CA ILE A 102 5.69 4.58 4.76
C ILE A 102 5.74 3.49 3.71
N ASP A 103 5.33 3.89 2.49
CA ASP A 103 5.80 3.22 1.28
C ASP A 103 6.78 4.20 0.62
N GLN A 104 7.98 3.71 0.32
CA GLN A 104 8.97 4.54 -0.34
C GLN A 104 8.40 5.19 -1.61
N SER A 105 8.94 6.34 -1.96
CA SER A 105 8.64 6.91 -3.27
C SER A 105 8.83 5.83 -4.33
N GLY A 106 7.88 5.75 -5.26
CA GLY A 106 7.96 4.80 -6.34
C GLY A 106 7.79 3.35 -5.95
N ARG A 107 7.14 3.09 -4.84
CA ARG A 107 6.89 1.74 -4.34
C ARG A 107 5.49 1.69 -3.73
N GLY A 108 4.83 0.54 -3.81
CA GLY A 108 3.58 0.39 -3.08
C GLY A 108 2.57 1.44 -3.50
N ARG A 109 1.99 2.11 -2.50
CA ARG A 109 0.97 3.12 -2.76
C ARG A 109 1.50 4.47 -3.20
N SER A 110 2.82 4.60 -3.35
CA SER A 110 3.50 5.82 -3.77
C SER A 110 3.78 5.78 -5.27
N ALA A 111 3.20 6.70 -6.03
CA ALA A 111 3.16 6.60 -7.48
C ALA A 111 4.52 6.61 -8.16
N THR A 112 4.61 5.78 -9.18
CA THR A 112 5.64 5.81 -10.20
C THR A 112 5.13 6.62 -11.40
N ASP A 113 6.01 6.89 -12.36
CA ASP A 113 5.65 7.51 -13.64
C ASP A 113 5.81 6.41 -14.70
N ILE A 114 4.74 6.08 -15.41
CA ILE A 114 4.80 5.05 -16.44
C ILE A 114 4.99 5.62 -17.83
N SER A 115 5.26 6.92 -17.93
CA SER A 115 5.35 7.59 -19.24
C SER A 115 6.38 6.96 -20.14
N ALA A 116 7.56 6.59 -19.61
CA ALA A 116 8.59 6.06 -20.50
C ALA A 116 8.21 4.70 -21.07
N ILE A 117 7.50 3.89 -20.27
CA ILE A 117 7.06 2.59 -20.78
C ILE A 117 6.12 2.81 -21.95
N ASN A 118 5.13 3.70 -21.76
CA ASN A 118 4.18 3.93 -22.85
C ASN A 118 4.87 4.55 -24.06
N ALA A 119 5.88 5.43 -23.86
CA ALA A 119 6.57 6.02 -25.00
C ALA A 119 7.19 4.96 -25.86
N VAL A 120 7.79 3.93 -25.26
CA VAL A 120 8.37 2.84 -26.04
C VAL A 120 7.29 2.03 -26.71
N LYS A 121 6.19 1.73 -26.01
CA LYS A 121 5.09 0.97 -26.63
C LYS A 121 4.53 1.69 -27.84
N LEU A 122 4.48 3.01 -27.78
CA LEU A 122 3.98 3.85 -28.85
C LEU A 122 4.97 4.03 -29.99
N GLY A 123 6.18 3.52 -29.87
CA GLY A 123 7.20 3.65 -30.89
C GLY A 123 7.84 5.02 -30.95
N LYS A 124 7.72 5.79 -29.88
CA LYS A 124 8.27 7.15 -29.83
C LYS A 124 9.63 7.21 -29.16
N ALA A 125 10.03 6.17 -28.44
CA ALA A 125 11.27 6.13 -27.71
C ALA A 125 11.80 4.70 -27.79
N PRO A 126 13.11 4.52 -27.66
CA PRO A 126 13.74 3.23 -27.77
C PRO A 126 13.65 2.38 -26.53
N ALA A 127 13.82 1.07 -26.69
CA ALA A 127 13.79 0.16 -25.55
C ALA A 127 14.83 0.48 -24.50
N SER A 128 15.97 1.06 -24.87
CA SER A 128 17.00 1.41 -23.92
C SER A 128 16.55 2.50 -22.94
N SER A 129 15.48 3.22 -23.27
CA SER A 129 14.97 4.25 -22.38
C SER A 129 13.95 3.72 -21.38
N LEU A 130 13.65 2.42 -21.41
CA LEU A 130 12.75 1.86 -20.39
C LEU A 130 13.39 2.02 -19.03
N PRO A 131 12.60 2.17 -17.97
CA PRO A 131 13.16 2.30 -16.63
C PRO A 131 13.95 1.07 -16.22
N ASP A 132 14.93 1.29 -15.35
CA ASP A 132 15.70 0.24 -14.71
C ASP A 132 14.88 -0.34 -13.56
N LEU A 133 14.38 -1.55 -13.72
CA LEU A 133 13.52 -2.23 -12.78
C LEU A 133 14.08 -3.58 -12.40
N PHE A 134 13.82 -4.05 -11.18
CA PHE A 134 14.19 -5.41 -10.85
C PHE A 134 13.18 -5.98 -9.87
N ALA A 135 13.24 -7.30 -9.74
CA ALA A 135 12.49 -8.01 -8.72
C ALA A 135 13.43 -9.11 -8.18
N ALA A 136 13.35 -9.38 -6.90
CA ALA A 136 14.16 -10.44 -6.31
C ALA A 136 13.33 -11.73 -6.34
N GLY A 137 13.85 -12.71 -7.04
CA GLY A 137 13.20 -14.02 -7.09
C GLY A 137 13.30 -14.71 -5.74
N HIS A 138 12.51 -15.77 -5.59
CA HIS A 138 12.49 -16.51 -4.33
C HIS A 138 13.88 -17.05 -3.98
N GLU A 139 14.54 -17.60 -4.98
CA GLU A 139 15.82 -18.24 -4.78
C GLU A 139 16.89 -17.23 -4.40
N ALA A 140 16.89 -16.08 -5.09
CA ALA A 140 17.84 -15.02 -4.77
C ALA A 140 17.58 -14.46 -3.37
N ALA A 141 16.32 -14.23 -3.06
CA ALA A 141 15.94 -13.66 -1.77
C ALA A 141 16.35 -14.57 -0.63
N TRP A 142 16.22 -15.88 -0.81
CA TRP A 142 16.60 -16.82 0.25
C TRP A 142 18.03 -16.57 0.74
N ALA A 143 18.93 -16.35 -0.20
CA ALA A 143 20.34 -16.11 0.12
C ALA A 143 20.56 -14.68 0.58
N ILE A 144 19.94 -13.68 -0.05
CA ILE A 144 20.07 -12.29 0.41
C ILE A 144 19.63 -12.15 1.86
N PHE A 145 18.55 -12.87 2.22
CA PHE A 145 17.99 -12.78 3.54
C PHE A 145 18.66 -13.71 4.54
N ARG A 146 19.56 -14.56 4.07
CA ARG A 146 20.34 -15.47 4.89
C ARG A 146 19.44 -16.49 5.60
N PHE A 147 18.48 -17.05 4.87
CA PHE A 147 17.68 -18.11 5.43
C PHE A 147 18.43 -19.44 5.47
N GLY A 148 19.39 -19.57 4.57
CA GLY A 148 20.21 -20.80 4.47
C GLY A 148 21.24 -20.51 3.40
N PRO A 149 22.11 -21.47 3.17
CA PRO A 149 23.23 -21.24 2.26
C PRO A 149 22.83 -21.03 0.82
N ARG A 150 21.76 -21.71 0.42
CA ARG A 150 21.25 -21.66 -0.93
C ARG A 150 19.85 -22.26 -0.91
N TYR A 151 19.01 -21.78 -1.82
CA TYR A 151 17.63 -22.25 -1.85
C TYR A 151 17.58 -23.72 -2.27
N PRO A 152 16.71 -24.53 -1.68
CA PRO A 152 15.77 -24.24 -0.64
C PRO A 152 16.15 -24.84 0.72
N ASP A 153 17.44 -24.78 1.03
CA ASP A 153 17.94 -25.34 2.29
C ASP A 153 18.09 -24.28 3.36
N ALA A 154 17.35 -24.45 4.45
CA ALA A 154 17.36 -23.48 5.54
C ALA A 154 18.41 -23.85 6.59
N PHE A 155 18.98 -22.83 7.21
CA PHE A 155 19.79 -23.06 8.40
C PHE A 155 18.89 -23.73 9.45
N LYS A 156 19.40 -24.73 10.15
CA LYS A 156 18.63 -25.41 11.18
C LYS A 156 18.25 -24.49 12.33
N ASP A 157 19.04 -23.45 12.59
CA ASP A 157 18.75 -22.54 13.69
C ASP A 157 18.11 -21.23 13.24
N THR A 158 17.65 -21.13 12.01
CA THR A 158 17.12 -19.84 11.59
C THR A 158 15.91 -19.45 12.44
N GLN A 159 15.82 -18.17 12.75
CA GLN A 159 14.64 -17.61 13.39
C GLN A 159 13.54 -17.28 12.37
N PHE A 160 13.84 -17.29 11.09
CA PHE A 160 12.76 -16.92 10.16
C PHE A 160 11.78 -18.04 10.06
N PRO A 161 10.46 -17.75 10.02
CA PRO A 161 9.44 -18.79 9.88
C PRO A 161 9.41 -19.28 8.42
N VAL A 162 10.37 -20.13 8.06
CA VAL A 162 10.52 -20.60 6.70
C VAL A 162 9.34 -21.43 6.23
N GLN A 163 8.54 -21.99 7.14
CA GLN A 163 7.30 -22.64 6.74
C GLN A 163 6.32 -21.68 6.06
N ALA A 164 6.49 -20.39 6.27
CA ALA A 164 5.66 -19.34 5.68
C ALA A 164 6.38 -18.62 4.57
N GLN A 165 7.33 -19.30 3.90
CA GLN A 165 8.02 -18.63 2.80
C GLN A 165 7.04 -18.19 1.72
N ALA A 166 5.99 -18.96 1.44
CA ALA A 166 5.04 -18.54 0.40
C ALA A 166 4.43 -17.18 0.70
N GLU A 167 4.11 -16.95 1.97
CA GLU A 167 3.53 -15.67 2.40
C GLU A 167 4.57 -14.57 2.29
N LEU A 168 5.83 -14.84 2.61
CA LEU A 168 6.85 -13.81 2.37
C LEU A 168 6.90 -13.45 0.89
N TRP A 169 6.89 -14.47 0.02
CA TRP A 169 6.95 -14.18 -1.42
C TRP A 169 5.78 -13.35 -1.88
N GLN A 170 4.60 -13.54 -1.26
CA GLN A 170 3.43 -12.74 -1.60
C GLN A 170 3.66 -11.25 -1.34
N GLN A 171 4.44 -10.88 -0.32
CA GLN A 171 4.60 -9.47 -0.01
C GLN A 171 5.73 -8.80 -0.78
N MET A 172 6.48 -9.53 -1.58
CA MET A 172 7.59 -8.98 -2.35
C MET A 172 7.07 -8.43 -3.68
N VAL A 173 7.66 -7.30 -4.08
CA VAL A 173 7.20 -6.52 -5.22
C VAL A 173 8.38 -6.04 -6.05
N PRO A 174 8.14 -5.66 -7.30
CA PRO A 174 9.18 -5.02 -8.11
C PRO A 174 9.64 -3.72 -7.49
N ASP A 175 10.90 -3.41 -7.79
CA ASP A 175 11.61 -2.28 -7.21
C ASP A 175 12.07 -1.34 -8.30
N TRP A 176 11.67 -0.07 -8.17
CA TRP A 176 11.99 0.98 -9.12
C TRP A 176 13.16 1.84 -8.65
N LEU A 177 13.93 1.44 -7.66
CA LEU A 177 15.03 2.25 -7.15
C LEU A 177 15.94 2.79 -8.25
N GLY A 178 16.32 1.91 -9.18
CA GLY A 178 17.30 2.23 -10.18
C GLY A 178 16.83 3.20 -11.23
N SER A 179 15.54 3.49 -11.26
CA SER A 179 14.95 4.42 -12.19
C SER A 179 14.64 5.78 -11.56
N MET A 180 15.07 6.04 -10.34
CA MET A 180 14.89 7.31 -9.64
C MET A 180 16.28 7.83 -9.31
N PRO A 181 16.38 9.11 -8.95
CA PRO A 181 17.67 9.69 -8.59
C PRO A 181 18.21 9.09 -7.31
N THR A 182 19.47 9.42 -7.03
CA THR A 182 20.13 9.13 -5.78
C THR A 182 20.69 10.44 -5.23
N PRO A 183 20.40 10.80 -3.99
CA PRO A 183 19.58 10.07 -3.05
C PRO A 183 18.16 9.88 -3.52
N ASN A 184 17.57 8.75 -3.12
CA ASN A 184 16.21 8.45 -3.53
C ASN A 184 15.29 9.54 -3.02
N PRO A 185 14.21 9.85 -3.73
CA PRO A 185 13.25 10.85 -3.30
C PRO A 185 12.67 10.64 -1.92
N THR A 186 12.67 9.40 -1.42
CA THR A 186 12.23 9.14 -0.05
C THR A 186 13.02 9.98 0.94
N VAL A 187 14.31 10.18 0.69
CA VAL A 187 15.17 10.91 1.63
C VAL A 187 14.66 12.30 1.92
N ALA A 188 14.39 13.10 0.87
CA ALA A 188 13.86 14.43 1.10
C ALA A 188 12.48 14.38 1.75
N ASN A 189 11.66 13.39 1.38
CA ASN A 189 10.33 13.26 1.98
C ASN A 189 10.42 12.93 3.46
N LEU A 190 11.42 12.15 3.87
CA LEU A 190 11.58 11.87 5.30
C LEU A 190 11.94 13.15 6.06
N SER A 191 12.69 14.07 5.45
CA SER A 191 12.96 15.34 6.12
C SER A 191 11.66 16.13 6.29
N LYS A 192 10.86 16.20 5.22
CA LYS A 192 9.58 16.91 5.35
C LYS A 192 8.75 16.29 6.45
N LEU A 193 8.68 14.95 6.51
CA LEU A 193 7.91 14.29 7.55
C LEU A 193 8.45 14.59 8.93
N ALA A 194 9.77 14.49 9.10
CA ALA A 194 10.37 14.75 10.42
C ALA A 194 10.07 16.17 10.89
N ILE A 195 10.15 17.13 9.98
CA ILE A 195 9.87 18.53 10.32
C ILE A 195 8.41 18.67 10.70
N LYS A 196 7.51 18.06 9.95
CA LYS A 196 6.08 18.10 10.23
C LYS A 196 5.80 17.57 11.64
N LEU A 197 6.42 16.45 11.97
CA LEU A 197 6.19 15.81 13.27
C LEU A 197 6.92 16.53 14.40
N ASP A 198 7.97 17.26 14.08
CA ASP A 198 8.78 17.95 15.07
C ASP A 198 9.42 16.95 16.02
N GLY A 199 10.03 15.91 15.45
CA GLY A 199 10.79 14.96 16.23
C GLY A 199 10.31 13.54 16.06
N THR A 200 11.06 12.74 15.33
CA THR A 200 10.72 11.34 15.12
C THR A 200 12.00 10.52 15.12
N VAL A 201 11.87 9.27 15.51
CA VAL A 201 12.92 8.29 15.42
C VAL A 201 12.76 7.64 14.05
N LEU A 202 13.77 7.70 13.19
CA LEU A 202 13.72 7.06 11.88
C LEU A 202 14.30 5.66 11.99
N LEU A 203 13.53 4.65 11.58
CA LEU A 203 13.95 3.26 11.63
C LEU A 203 13.88 2.70 10.22
N SER A 204 15.05 2.33 9.69
CA SER A 204 15.18 1.86 8.31
C SER A 204 15.74 0.47 8.22
N HIS A 205 15.81 -0.06 6.99
CA HIS A 205 16.17 -1.45 6.75
C HIS A 205 16.86 -1.61 5.41
N SER A 206 18.04 -2.22 5.38
CA SER A 206 18.62 -2.68 4.12
C SER A 206 18.79 -1.63 3.05
N GLN A 207 18.12 -1.68 1.90
CA GLN A 207 18.23 -0.60 0.90
C GLN A 207 17.99 0.78 1.48
N SER A 208 17.03 0.91 2.41
CA SER A 208 16.76 2.21 3.00
C SER A 208 17.63 2.48 4.23
N GLY A 209 18.52 1.56 4.56
CA GLY A 209 19.40 1.73 5.71
C GLY A 209 20.08 3.08 5.73
N ILE A 210 20.61 3.50 4.59
CA ILE A 210 21.34 4.77 4.49
C ILE A 210 20.42 5.99 4.49
N TYR A 211 19.14 5.81 4.14
CA TYR A 211 18.25 6.96 3.99
C TYR A 211 18.24 7.93 5.15
N PRO A 212 18.03 7.48 6.39
CA PRO A 212 17.94 8.45 7.48
C PRO A 212 19.17 9.28 7.65
N PHE A 213 20.33 8.69 7.39
CA PHE A 213 21.59 9.42 7.49
C PHE A 213 21.70 10.48 6.40
N GLN A 214 21.25 10.15 5.18
CA GLN A 214 21.21 11.14 4.12
C GLN A 214 20.19 12.23 4.44
N THR A 215 19.06 11.88 5.04
CA THR A 215 18.07 12.88 5.45
C THR A 215 18.71 13.83 6.44
N ALA A 216 19.39 13.29 7.45
CA ALA A 216 19.98 14.12 8.49
C ALA A 216 21.07 15.04 7.96
N ALA A 217 21.85 14.55 6.99
CA ALA A 217 22.88 15.40 6.38
C ALA A 217 22.23 16.54 5.60
N MET A 218 21.10 16.28 4.94
CA MET A 218 20.40 17.32 4.19
C MET A 218 19.82 18.36 5.13
N ASN A 219 19.21 17.91 6.22
CA ASN A 219 18.61 18.79 7.22
C ASN A 219 18.38 17.98 8.48
N PRO A 220 19.04 18.30 9.59
CA PRO A 220 18.88 17.52 10.80
C PRO A 220 17.58 17.78 11.54
N LYS A 221 16.82 18.80 11.16
CA LYS A 221 15.63 19.19 11.90
C LYS A 221 14.62 18.08 12.02
N GLY A 222 14.20 17.83 13.25
CA GLY A 222 13.17 16.85 13.55
C GLY A 222 13.63 15.41 13.63
N ILE A 223 14.94 15.15 13.48
CA ILE A 223 15.44 13.78 13.53
C ILE A 223 15.97 13.51 14.93
N THR A 224 15.24 12.74 15.71
CA THR A 224 15.57 12.55 17.12
C THR A 224 16.62 11.49 17.31
N ALA A 225 16.52 10.42 16.54
CA ALA A 225 17.42 9.30 16.64
C ALA A 225 17.25 8.47 15.37
N ILE A 226 18.24 7.63 15.08
CA ILE A 226 18.20 6.76 13.91
C ILE A 226 18.48 5.33 14.34
N VAL A 227 17.64 4.42 13.87
CA VAL A 227 17.84 2.99 14.03
C VAL A 227 17.92 2.40 12.62
N SER A 228 18.98 1.68 12.31
CA SER A 228 19.12 1.11 10.96
C SER A 228 19.34 -0.39 11.12
N VAL A 229 18.43 -1.18 10.56
CA VAL A 229 18.50 -2.64 10.61
C VAL A 229 19.20 -3.17 9.37
N GLU A 230 20.38 -3.76 9.56
CA GLU A 230 21.15 -4.34 8.48
C GLU A 230 21.18 -3.47 7.23
N PRO A 231 21.70 -2.27 7.35
CA PRO A 231 21.80 -1.38 6.21
C PRO A 231 22.68 -1.93 5.11
N GLY A 232 22.28 -1.63 3.87
CA GLY A 232 23.10 -1.97 2.71
C GLY A 232 24.37 -1.14 2.71
N GLU A 233 24.27 0.10 3.19
CA GLU A 233 25.42 0.96 3.37
C GLU A 233 25.23 1.81 4.62
N CYS A 234 26.31 1.98 5.38
CA CYS A 234 26.33 2.94 6.48
C CYS A 234 27.06 4.16 5.93
N PRO A 235 26.95 5.31 6.57
CA PRO A 235 27.73 6.48 6.19
C PRO A 235 29.23 6.18 6.28
N LYS A 236 30.03 6.94 5.55
CA LYS A 236 31.49 6.84 5.62
C LYS A 236 31.95 7.54 6.88
N PRO A 237 33.13 7.14 7.40
CA PRO A 237 33.66 7.74 8.62
C PRO A 237 33.72 9.25 8.47
N GLU A 238 33.92 9.75 7.25
CA GLU A 238 34.01 11.15 6.93
C GLU A 238 32.66 11.86 7.00
N ASP A 239 31.56 11.15 7.15
CA ASP A 239 30.23 11.71 7.22
C ASP A 239 29.76 11.94 8.64
N VAL A 240 30.59 11.73 9.67
CA VAL A 240 30.07 11.77 11.02
C VAL A 240 29.78 13.13 11.60
N LYS A 241 30.51 14.18 11.22
CA LYS A 241 30.34 15.48 11.87
C LYS A 241 28.92 15.98 11.94
N PRO A 242 28.15 15.93 10.85
CA PRO A 242 26.77 16.36 10.86
C PRO A 242 25.83 15.49 11.68
N LEU A 243 26.26 14.33 12.13
CA LEU A 243 25.46 13.37 12.87
C LEU A 243 25.74 13.27 14.35
N THR A 244 26.67 14.07 14.89
CA THR A 244 27.10 13.85 16.27
C THR A 244 26.06 14.18 17.33
N SER A 245 24.96 14.85 17.00
CA SER A 245 23.93 15.12 17.98
C SER A 245 22.75 14.18 17.83
N ILE A 246 22.81 13.20 16.92
CA ILE A 246 21.70 12.28 16.72
C ILE A 246 22.14 10.88 17.14
N PRO A 247 21.61 10.31 18.20
CA PRO A 247 22.00 8.95 18.60
C PRO A 247 21.66 7.98 17.49
N VAL A 248 22.54 7.00 17.29
CA VAL A 248 22.41 6.00 16.25
C VAL A 248 22.57 4.59 16.77
N LEU A 249 21.64 3.72 16.33
CA LEU A 249 21.71 2.30 16.60
C LEU A 249 21.69 1.55 15.28
N VAL A 250 22.67 0.69 15.05
CA VAL A 250 22.71 -0.17 13.85
C VAL A 250 22.60 -1.59 14.35
N VAL A 251 21.69 -2.40 13.80
CA VAL A 251 21.42 -3.73 14.29
C VAL A 251 21.73 -4.77 13.23
N PHE A 252 22.50 -5.80 13.60
CA PHE A 252 22.81 -6.92 12.73
C PHE A 252 22.43 -8.24 13.38
N GLY A 253 21.97 -9.17 12.54
CA GLY A 253 21.60 -10.50 12.94
C GLY A 253 22.72 -11.51 12.87
N ASP A 254 22.35 -12.73 12.49
CA ASP A 254 23.26 -13.86 12.50
C ASP A 254 23.54 -14.44 11.13
N HIS A 255 24.45 -15.41 11.09
CA HIS A 255 24.90 -16.04 9.87
C HIS A 255 25.48 -15.00 8.91
N ILE A 256 26.14 -13.97 9.46
CA ILE A 256 26.68 -12.92 8.61
C ILE A 256 27.94 -13.36 7.90
N GLU A 257 28.84 -14.00 8.65
CA GLU A 257 30.17 -14.29 8.17
C GLU A 257 30.28 -15.10 6.90
N GLU A 258 29.31 -15.99 6.68
CA GLU A 258 29.41 -16.86 5.51
C GLU A 258 28.85 -16.26 4.25
N PHE A 259 28.32 -15.04 4.30
CA PHE A 259 27.81 -14.39 3.09
C PHE A 259 28.68 -13.19 2.72
N PRO A 260 29.33 -13.26 1.57
CA PRO A 260 30.12 -12.13 1.10
C PRO A 260 29.32 -10.86 0.88
N ARG A 261 28.01 -10.91 0.70
CA ARG A 261 27.16 -9.73 0.54
C ARG A 261 27.14 -8.96 1.87
N TRP A 262 27.22 -9.68 2.98
CA TRP A 262 26.92 -9.14 4.29
C TRP A 262 28.11 -8.90 5.19
N ALA A 263 29.11 -9.77 5.16
CA ALA A 263 30.28 -9.60 6.02
C ALA A 263 30.93 -8.26 5.92
N PRO A 264 31.13 -7.70 4.73
CA PRO A 264 31.78 -6.40 4.61
C PRO A 264 30.90 -5.25 5.08
N ARG A 265 29.58 -5.43 5.03
CA ARG A 265 28.64 -4.39 5.46
C ARG A 265 28.69 -4.24 6.98
N LEU A 266 28.76 -5.36 7.69
CA LEU A 266 28.90 -5.30 9.15
C LEU A 266 30.19 -4.58 9.52
N LYS A 267 31.31 -4.94 8.86
CA LYS A 267 32.59 -4.30 9.14
C LYS A 267 32.57 -2.80 8.88
N ALA A 268 32.00 -2.40 7.74
CA ALA A 268 31.90 -0.99 7.40
C ALA A 268 31.02 -0.23 8.39
N CYS A 269 29.96 -0.86 8.86
CA CYS A 269 29.11 -0.19 9.84
C CYS A 269 29.87 0.01 11.14
N HIS A 270 30.72 -0.92 11.56
CA HIS A 270 31.57 -0.68 12.72
C HIS A 270 32.47 0.53 12.50
N ALA A 271 33.05 0.67 11.32
CA ALA A 271 33.96 1.79 11.08
C ALA A 271 33.18 3.09 11.29
N PHE A 272 31.96 3.15 10.78
CA PHE A 272 31.10 4.31 10.96
C PHE A 272 30.82 4.58 12.42
N ILE A 273 30.32 3.58 13.13
CA ILE A 273 29.96 3.77 14.54
C ILE A 273 31.16 4.20 15.35
N ASP A 274 32.31 3.55 15.16
CA ASP A 274 33.49 3.95 15.90
C ASP A 274 33.90 5.37 15.60
N ALA A 275 33.86 5.77 14.32
CA ALA A 275 34.16 7.15 13.95
C ALA A 275 33.18 8.13 14.59
N LEU A 276 31.92 7.75 14.64
CA LEU A 276 30.89 8.60 15.24
C LEU A 276 31.17 8.82 16.72
N ASN A 277 31.49 7.73 17.44
CA ASN A 277 31.81 7.88 18.87
C ASN A 277 33.08 8.69 19.07
N ALA A 278 34.08 8.47 18.21
CA ALA A 278 35.34 9.20 18.37
C ALA A 278 35.15 10.70 18.14
N ALA A 279 34.17 11.09 17.33
CA ALA A 279 33.87 12.47 17.04
C ALA A 279 32.93 13.13 18.04
N GLY A 280 32.56 12.41 19.09
CA GLY A 280 31.70 12.96 20.11
C GLY A 280 30.24 12.62 19.96
N GLY A 281 29.90 11.77 18.99
CA GLY A 281 28.52 11.32 18.82
C GLY A 281 28.26 10.13 19.74
N LYS A 282 27.13 9.49 19.50
CA LYS A 282 26.66 8.37 20.31
C LYS A 282 26.10 7.32 19.34
N GLY A 283 26.89 6.28 19.09
CA GLY A 283 26.50 5.21 18.21
C GLY A 283 26.71 3.86 18.86
N GLN A 284 25.86 2.90 18.52
CA GLN A 284 26.01 1.52 18.95
C GLN A 284 25.75 0.60 17.77
N LEU A 285 26.60 -0.41 17.64
CA LEU A 285 26.35 -1.49 16.70
C LEU A 285 25.94 -2.69 17.55
N MET A 286 24.68 -3.04 17.46
CA MET A 286 24.13 -4.17 18.17
C MET A 286 24.18 -5.41 17.29
N SER A 287 25.09 -6.31 17.60
CA SER A 287 25.19 -7.59 16.92
C SER A 287 24.45 -8.59 17.81
N LEU A 288 23.32 -9.10 17.35
CA LEU A 288 22.48 -9.95 18.18
C LEU A 288 23.21 -11.13 18.76
N PRO A 289 24.04 -11.87 18.02
CA PRO A 289 24.73 -13.02 18.61
C PRO A 289 25.57 -12.68 19.81
N ALA A 290 26.16 -11.50 19.87
CA ALA A 290 26.96 -11.08 21.03
C ALA A 290 26.11 -10.87 22.28
N LEU A 291 24.80 -10.69 22.10
CA LEU A 291 23.88 -10.57 23.22
C LEU A 291 23.25 -11.91 23.56
N GLY A 292 23.71 -12.99 22.94
CA GLY A 292 23.16 -14.31 23.19
C GLY A 292 21.87 -14.55 22.43
N VAL A 293 21.63 -13.81 21.34
CA VAL A 293 20.43 -13.96 20.52
C VAL A 293 20.91 -14.50 19.19
N HIS A 294 20.52 -15.72 18.84
CA HIS A 294 21.06 -16.41 17.70
C HIS A 294 20.04 -16.73 16.62
N GLY A 295 20.53 -16.84 15.39
CA GLY A 295 19.72 -17.30 14.28
C GLY A 295 18.95 -16.22 13.54
N ASN A 296 19.03 -14.96 13.89
CA ASN A 296 18.21 -13.96 13.19
C ASN A 296 18.65 -13.81 11.74
N SER A 297 17.60 -13.69 10.91
CA SER A 297 17.77 -13.47 9.49
C SER A 297 17.85 -11.97 9.20
N HIS A 298 17.97 -11.64 7.91
CA HIS A 298 17.86 -10.24 7.52
C HIS A 298 16.48 -9.67 7.79
N MET A 299 15.46 -10.51 7.77
CA MET A 299 14.09 -10.13 8.01
C MET A 299 13.76 -10.25 9.50
N MET A 300 14.61 -9.68 10.35
CA MET A 300 14.52 -9.94 11.78
C MET A 300 13.23 -9.40 12.41
N MET A 301 12.62 -8.38 11.80
CA MET A 301 11.33 -7.86 12.24
C MET A 301 10.19 -8.85 12.02
N GLN A 302 10.43 -9.90 11.22
CA GLN A 302 9.46 -10.95 10.94
C GLN A 302 9.83 -12.29 11.58
N ASP A 303 11.02 -12.38 12.18
CA ASP A 303 11.53 -13.60 12.74
C ASP A 303 10.70 -14.06 13.94
N ARG A 304 10.90 -15.32 14.36
CA ARG A 304 10.12 -15.89 15.45
C ARG A 304 10.36 -15.18 16.77
N ASN A 305 11.55 -14.63 16.96
CA ASN A 305 11.89 -13.86 18.16
C ASN A 305 11.84 -12.35 17.83
N ASN A 306 10.94 -11.94 16.93
CA ASN A 306 10.91 -10.53 16.55
C ASN A 306 10.58 -9.62 17.71
N LEU A 307 9.81 -10.04 18.71
CA LEU A 307 9.49 -9.15 19.82
C LEU A 307 10.66 -9.03 20.80
N GLN A 308 11.49 -10.07 20.91
CA GLN A 308 12.72 -9.99 21.68
C GLN A 308 13.63 -8.93 21.05
N VAL A 309 13.75 -8.96 19.72
CA VAL A 309 14.58 -7.97 19.01
C VAL A 309 13.98 -6.58 19.18
N ALA A 310 12.66 -6.48 19.03
CA ALA A 310 11.99 -5.19 19.22
C ALA A 310 12.26 -4.61 20.61
N ASP A 311 12.21 -5.45 21.65
CA ASP A 311 12.46 -4.94 23.00
C ASP A 311 13.86 -4.37 23.13
N LEU A 312 14.86 -4.99 22.52
CA LEU A 312 16.22 -4.45 22.57
C LEU A 312 16.26 -3.07 21.94
N ILE A 313 15.61 -2.92 20.79
CA ILE A 313 15.58 -1.64 20.08
C ILE A 313 14.82 -0.59 20.87
N LEU A 314 13.65 -0.96 21.39
CA LEU A 314 12.85 0.00 22.15
C LEU A 314 13.54 0.44 23.45
N ASP A 315 14.25 -0.50 24.08
CA ASP A 315 15.02 -0.16 25.28
C ASP A 315 16.07 0.90 24.92
N TRP A 316 16.75 0.72 23.80
CA TRP A 316 17.74 1.68 23.33
C TRP A 316 17.06 3.02 23.02
N ILE A 317 15.92 2.99 22.33
CA ILE A 317 15.25 4.24 22.01
C ILE A 317 14.88 4.98 23.28
N GLY A 318 14.37 4.28 24.28
CA GLY A 318 14.00 4.90 25.54
C GLY A 318 15.18 5.56 26.25
N ARG A 319 16.37 4.96 26.17
CA ARG A 319 17.57 5.50 26.79
C ARG A 319 18.16 6.67 26.01
N ASN A 320 17.84 6.83 24.73
CA ASN A 320 18.48 7.80 23.87
C ASN A 320 17.53 8.85 23.34
N THR A 321 16.40 8.99 24.00
CA THR A 321 15.38 9.97 23.67
C THR A 321 14.99 10.61 25.02
N ALA A 322 15.58 10.06 26.08
CA ALA A 322 15.36 10.47 27.45
C ALA A 322 15.43 11.98 27.62
N VAL B 5 -27.29 14.46 7.93
CA VAL B 5 -25.82 14.27 8.02
C VAL B 5 -25.46 14.04 9.49
N PRO B 6 -24.76 12.92 9.74
CA PRO B 6 -24.38 12.51 11.07
C PRO B 6 -23.23 13.34 11.63
N LYS B 7 -23.13 13.39 12.95
CA LYS B 7 -21.98 14.07 13.55
C LYS B 7 -20.77 13.14 13.40
N THR B 8 -19.59 13.70 13.24
CA THR B 8 -18.41 12.85 13.10
C THR B 8 -18.10 12.24 14.46
N PRO B 9 -18.08 10.92 14.54
CA PRO B 9 -17.81 10.25 15.81
C PRO B 9 -16.49 10.73 16.41
N ALA B 10 -16.51 10.96 17.71
CA ALA B 10 -15.35 11.49 18.42
C ALA B 10 -14.73 10.44 19.33
N GLY B 11 -13.55 10.75 19.84
CA GLY B 11 -12.86 9.90 20.80
C GLY B 11 -12.07 8.79 20.14
N PRO B 12 -11.48 7.96 21.00
CA PRO B 12 -10.62 6.90 20.54
C PRO B 12 -11.37 5.74 19.89
N LEU B 13 -10.61 4.86 19.26
CA LEU B 13 -11.19 3.68 18.63
C LEU B 13 -10.49 2.46 19.19
N THR B 14 -11.22 1.42 19.51
CA THR B 14 -10.67 0.19 20.06
C THR B 14 -10.79 -0.92 19.04
N LEU B 15 -9.67 -1.59 18.81
CA LEU B 15 -9.59 -2.68 17.87
C LEU B 15 -9.51 -3.99 18.65
N SER B 16 -10.41 -4.92 18.39
CA SER B 16 -10.27 -6.28 18.88
C SER B 16 -9.16 -7.01 18.12
N GLY B 17 -9.01 -6.73 16.84
CA GLY B 17 -8.04 -7.39 15.99
C GLY B 17 -7.61 -6.46 14.86
N GLN B 18 -6.45 -6.69 14.29
CA GLN B 18 -5.93 -5.92 13.15
C GLN B 18 -4.82 -6.72 12.52
N GLY B 19 -4.64 -6.57 11.22
CA GLY B 19 -3.55 -7.25 10.56
C GLY B 19 -3.59 -7.06 9.06
N SER B 20 -2.71 -7.81 8.41
CA SER B 20 -2.54 -7.77 6.98
C SER B 20 -2.18 -9.15 6.48
N PHE B 21 -2.61 -9.47 5.27
CA PHE B 21 -2.25 -10.73 4.64
C PHE B 21 -2.48 -10.59 3.14
N PHE B 22 -2.10 -11.63 2.41
CA PHE B 22 -2.34 -11.67 0.98
C PHE B 22 -3.23 -12.83 0.62
N VAL B 23 -3.96 -12.68 -0.47
CA VAL B 23 -4.78 -13.72 -1.05
C VAL B 23 -4.26 -14.05 -2.44
N GLY B 24 -4.12 -15.33 -2.73
CA GLY B 24 -3.82 -15.74 -4.09
C GLY B 24 -2.37 -15.55 -4.47
N GLY B 25 -2.16 -15.39 -5.77
CA GLY B 25 -0.86 -15.34 -6.37
C GLY B 25 -0.61 -16.58 -7.24
N ARG B 26 0.28 -16.38 -8.19
CA ARG B 26 0.77 -17.44 -9.05
C ARG B 26 2.28 -17.29 -9.13
N ASP B 27 2.98 -18.42 -9.16
CA ASP B 27 4.44 -18.41 -9.25
C ASP B 27 4.84 -18.57 -10.71
N VAL B 28 5.67 -17.67 -11.18
CA VAL B 28 6.14 -17.72 -12.54
C VAL B 28 7.65 -17.73 -12.57
N THR B 29 8.15 -18.31 -13.64
CA THR B 29 9.58 -18.38 -13.94
C THR B 29 9.94 -17.29 -14.94
N SER B 30 10.96 -16.53 -14.62
CA SER B 30 11.42 -15.43 -15.45
C SER B 30 12.90 -15.61 -15.76
N GLU B 31 13.34 -15.00 -16.85
CA GLU B 31 14.76 -14.88 -17.14
C GLU B 31 15.13 -13.41 -17.31
N THR B 32 14.28 -12.50 -16.82
CA THR B 32 14.50 -11.06 -16.97
C THR B 32 14.19 -10.29 -15.70
N LEU B 33 14.51 -10.89 -14.54
CA LEU B 33 14.20 -10.22 -13.27
C LEU B 33 15.10 -9.04 -12.96
N SER B 34 16.23 -8.98 -13.63
CA SER B 34 17.24 -7.96 -13.32
C SER B 34 18.13 -7.77 -14.53
N LEU B 35 18.59 -6.54 -14.72
CA LEU B 35 19.60 -6.23 -15.72
C LEU B 35 20.95 -5.99 -15.01
N SER B 36 21.03 -6.23 -13.72
CA SER B 36 22.23 -6.03 -12.92
C SER B 36 22.72 -7.25 -12.17
N PRO B 37 24.02 -7.29 -11.82
CA PRO B 37 24.63 -8.39 -11.09
C PRO B 37 24.22 -8.54 -9.64
N LYS B 38 23.60 -7.53 -9.05
CA LYS B 38 23.16 -7.60 -7.66
C LYS B 38 22.04 -8.59 -7.42
N TYR B 39 21.16 -8.81 -8.40
CA TYR B 39 20.01 -9.70 -8.31
C TYR B 39 20.01 -10.64 -9.52
N ASP B 40 19.68 -11.90 -9.28
CA ASP B 40 19.65 -12.88 -10.36
C ASP B 40 18.59 -12.54 -11.40
N ALA B 41 18.89 -12.69 -12.70
CA ALA B 41 17.89 -12.50 -13.74
C ALA B 41 16.97 -13.71 -13.86
N HIS B 42 17.46 -14.91 -13.61
CA HIS B 42 16.65 -16.12 -13.67
C HIS B 42 16.10 -16.41 -12.28
N GLY B 43 14.81 -16.58 -12.15
CA GLY B 43 14.26 -16.91 -10.85
C GLY B 43 12.76 -16.99 -10.92
N THR B 44 12.17 -17.26 -9.76
CA THR B 44 10.73 -17.40 -9.60
C THR B 44 10.17 -16.22 -8.80
N VAL B 45 9.07 -15.63 -9.25
CA VAL B 45 8.40 -14.58 -8.49
C VAL B 45 6.92 -14.95 -8.37
N THR B 46 6.28 -14.36 -7.36
CA THR B 46 4.85 -14.48 -7.15
C THR B 46 4.17 -13.20 -7.62
N VAL B 47 3.16 -13.35 -8.48
CA VAL B 47 2.42 -12.21 -9.03
C VAL B 47 0.92 -12.48 -8.94
N ASP B 48 0.13 -11.44 -9.02
CA ASP B 48 -1.33 -11.42 -8.98
C ASP B 48 -1.96 -11.59 -7.61
N GLN B 49 -1.16 -11.74 -6.56
CA GLN B 49 -1.69 -11.78 -5.21
C GLN B 49 -2.30 -10.43 -4.83
N MET B 50 -3.24 -10.47 -3.88
CA MET B 50 -3.99 -9.30 -3.45
C MET B 50 -3.70 -8.98 -1.97
N TYR B 51 -3.18 -7.79 -1.71
CA TYR B 51 -2.98 -7.28 -0.37
C TYR B 51 -4.30 -6.99 0.32
N VAL B 52 -4.41 -7.38 1.58
CA VAL B 52 -5.59 -7.16 2.40
C VAL B 52 -5.17 -6.64 3.78
N ARG B 53 -5.71 -5.51 4.19
CA ARG B 53 -5.49 -4.95 5.52
C ARG B 53 -6.83 -4.96 6.25
N TYR B 54 -6.90 -5.54 7.43
CA TYR B 54 -8.14 -5.67 8.16
C TYR B 54 -8.07 -5.03 9.55
N GLN B 55 -9.24 -4.59 10.00
CA GLN B 55 -9.45 -4.05 11.33
C GLN B 55 -10.78 -4.60 11.84
N ILE B 56 -10.77 -5.10 13.07
CA ILE B 56 -11.93 -5.74 13.68
C ILE B 56 -12.32 -4.97 14.92
N PRO B 57 -13.51 -4.38 14.97
CA PRO B 57 -13.95 -3.67 16.16
C PRO B 57 -14.38 -4.66 17.23
N GLN B 58 -14.54 -4.18 18.45
CA GLN B 58 -15.15 -5.00 19.50
C GLN B 58 -16.61 -5.25 19.16
N ARG B 59 -17.11 -6.42 19.56
CA ARG B 59 -18.49 -6.82 19.30
C ARG B 59 -18.87 -6.60 17.84
N ALA B 60 -18.01 -7.05 16.95
CA ALA B 60 -18.19 -6.85 15.52
C ALA B 60 -19.48 -7.48 15.02
N LYS B 61 -20.07 -6.81 14.05
CA LYS B 61 -21.25 -7.35 13.36
C LYS B 61 -20.84 -8.63 12.64
N ARG B 62 -21.83 -9.48 12.35
CA ARG B 62 -21.60 -10.77 11.74
C ARG B 62 -20.85 -10.73 10.43
N TYR B 63 -21.18 -9.79 9.55
CA TYR B 63 -20.56 -9.73 8.27
C TYR B 63 -19.61 -8.56 8.08
N PRO B 64 -18.34 -8.83 7.82
CA PRO B 64 -17.39 -7.75 7.52
C PRO B 64 -17.75 -7.10 6.18
N ILE B 65 -17.22 -5.92 5.96
CA ILE B 65 -17.29 -5.21 4.69
C ILE B 65 -15.89 -5.23 4.06
N THR B 66 -15.82 -5.64 2.81
CA THR B 66 -14.60 -5.61 2.02
C THR B 66 -14.69 -4.45 1.04
N LEU B 67 -13.73 -3.52 1.14
CA LEU B 67 -13.70 -2.30 0.37
C LEU B 67 -12.71 -2.42 -0.79
N ILE B 68 -13.17 -2.19 -2.01
CA ILE B 68 -12.45 -2.47 -3.24
C ILE B 68 -12.37 -1.21 -4.11
N HIS B 69 -11.18 -0.61 -4.17
CA HIS B 69 -10.98 0.62 -4.92
C HIS B 69 -11.10 0.39 -6.43
N GLY B 70 -11.18 1.52 -7.15
CA GLY B 70 -11.29 1.52 -8.59
C GLY B 70 -10.00 1.92 -9.28
N CYS B 71 -10.09 2.54 -10.45
CA CYS B 71 -8.92 2.81 -11.25
C CYS B 71 -8.04 3.84 -10.57
N CYS B 72 -6.75 3.81 -10.94
CA CYS B 72 -5.87 4.95 -10.75
C CYS B 72 -5.64 5.30 -9.30
N LEU B 73 -5.98 4.39 -8.39
CA LEU B 73 -6.06 4.63 -6.96
C LEU B 73 -5.70 3.31 -6.26
N THR B 74 -5.53 3.39 -4.95
CA THR B 74 -5.27 2.21 -4.13
C THR B 74 -6.29 2.17 -3.00
N GLY B 75 -6.09 1.29 -2.02
CA GLY B 75 -6.95 1.25 -0.85
C GLY B 75 -6.94 2.53 -0.04
N MET B 76 -5.95 3.41 -0.27
CA MET B 76 -5.98 4.77 0.25
C MET B 76 -7.30 5.46 -0.05
N THR B 77 -8.01 5.11 -1.10
CA THR B 77 -9.30 5.65 -1.44
C THR B 77 -10.16 5.81 -0.20
N TRP B 78 -10.20 4.76 0.64
CA TRP B 78 -11.10 4.62 1.77
C TRP B 78 -10.57 5.12 3.09
N GLU B 79 -9.31 5.57 3.11
CA GLU B 79 -8.62 5.98 4.33
C GLU B 79 -8.90 7.46 4.55
N THR B 80 -8.07 8.19 5.27
CA THR B 80 -8.33 9.63 5.49
C THR B 80 -8.58 10.31 4.16
N THR B 81 -9.58 11.18 4.14
CA THR B 81 -9.87 11.90 2.89
C THR B 81 -8.72 12.81 2.52
N PRO B 82 -8.65 13.33 1.30
CA PRO B 82 -7.57 14.22 0.90
C PRO B 82 -7.44 15.46 1.77
N ASP B 83 -8.56 15.97 2.30
CA ASP B 83 -8.56 17.13 3.16
C ASP B 83 -8.51 16.79 4.65
N GLY B 84 -8.22 15.55 5.03
CA GLY B 84 -7.90 15.22 6.40
C GLY B 84 -9.04 14.68 7.25
N ARG B 85 -10.17 14.36 6.66
CA ARG B 85 -11.33 13.93 7.43
C ARG B 85 -11.40 12.41 7.48
N MET B 86 -12.22 11.92 8.41
CA MET B 86 -12.47 10.51 8.57
C MET B 86 -12.92 9.90 7.27
N GLY B 87 -12.32 8.76 6.94
CA GLY B 87 -12.72 7.97 5.78
C GLY B 87 -13.72 6.88 6.16
N TRP B 88 -14.18 6.17 5.14
CA TRP B 88 -15.12 5.08 5.36
C TRP B 88 -14.48 3.91 6.08
N ASP B 89 -13.17 3.63 5.94
CA ASP B 89 -12.57 2.51 6.69
C ASP B 89 -12.80 2.73 8.19
N GLU B 90 -12.41 3.90 8.67
CA GLU B 90 -12.54 4.21 10.08
C GLU B 90 -14.00 4.34 10.50
N TYR B 91 -14.82 4.99 9.67
CA TYR B 91 -16.23 5.17 10.03
C TYR B 91 -16.93 3.82 10.16
N PHE B 92 -16.70 2.93 9.20
CA PHE B 92 -17.31 1.60 9.26
C PHE B 92 -16.89 0.85 10.52
N LEU B 93 -15.61 0.93 10.88
CA LEU B 93 -15.13 0.33 12.13
C LEU B 93 -15.89 0.89 13.32
N ARG B 94 -16.02 2.23 13.36
CA ARG B 94 -16.71 2.87 14.49
C ARG B 94 -18.19 2.53 14.53
N LYS B 95 -18.77 2.15 13.41
CA LYS B 95 -20.16 1.69 13.33
C LYS B 95 -20.28 0.21 13.65
N GLY B 96 -19.19 -0.49 13.96
CA GLY B 96 -19.26 -1.86 14.37
C GLY B 96 -19.01 -2.91 13.32
N TYR B 97 -18.52 -2.49 12.15
CA TYR B 97 -18.20 -3.44 11.12
C TYR B 97 -16.70 -3.70 10.99
N SER B 98 -16.36 -4.97 10.86
CA SER B 98 -15.00 -5.36 10.54
C SER B 98 -14.78 -4.94 9.08
N THR B 99 -13.62 -4.41 8.78
CA THR B 99 -13.29 -3.93 7.46
C THR B 99 -12.06 -4.61 6.91
N TYR B 100 -12.13 -4.94 5.63
CA TYR B 100 -11.05 -5.55 4.87
C TYR B 100 -10.81 -4.64 3.68
N VAL B 101 -9.68 -3.95 3.66
CA VAL B 101 -9.39 -2.97 2.63
C VAL B 101 -8.28 -3.52 1.75
N ILE B 102 -8.55 -3.72 0.47
CA ILE B 102 -7.60 -4.34 -0.40
C ILE B 102 -6.82 -3.35 -1.27
N ASP B 103 -5.68 -3.84 -1.81
CA ASP B 103 -5.14 -3.25 -3.03
C ASP B 103 -5.36 -4.30 -4.13
N GLN B 104 -5.98 -3.89 -5.23
CA GLN B 104 -6.22 -4.82 -6.32
C GLN B 104 -4.92 -5.51 -6.74
N SER B 105 -5.06 -6.69 -7.33
CA SER B 105 -3.93 -7.35 -7.98
C SER B 105 -3.27 -6.33 -8.91
N GLY B 106 -1.94 -6.29 -8.85
CA GLY B 106 -1.17 -5.41 -9.71
C GLY B 106 -1.31 -3.95 -9.43
N ARG B 107 -1.65 -3.57 -8.20
CA ARG B 107 -1.81 -2.18 -7.79
C ARG B 107 -1.26 -2.06 -6.38
N GLY B 108 -0.70 -0.90 -6.03
CA GLY B 108 -0.34 -0.66 -4.65
C GLY B 108 0.63 -1.69 -4.12
N ARG B 109 0.29 -2.29 -2.98
CA ARG B 109 1.15 -3.28 -2.34
C ARG B 109 1.04 -4.68 -2.93
N SER B 110 0.22 -4.84 -3.96
CA SER B 110 0.00 -6.11 -4.66
C SER B 110 0.89 -6.17 -5.89
N ALA B 111 1.84 -7.10 -5.92
CA ALA B 111 2.91 -7.12 -6.91
C ALA B 111 2.44 -7.18 -8.36
N THR B 112 3.11 -6.39 -9.18
CA THR B 112 3.12 -6.51 -10.63
C THR B 112 4.29 -7.42 -11.02
N ASP B 113 4.39 -7.74 -12.30
CA ASP B 113 5.51 -8.46 -12.86
C ASP B 113 6.28 -7.52 -13.80
N ILE B 114 7.58 -7.34 -13.60
CA ILE B 114 8.36 -6.47 -14.47
C ILE B 114 9.11 -7.26 -15.54
N SER B 115 8.85 -8.57 -15.65
CA SER B 115 9.60 -9.40 -16.58
C SER B 115 9.43 -8.95 -18.02
N ALA B 116 8.24 -8.56 -18.44
CA ALA B 116 8.03 -8.19 -19.84
C ALA B 116 8.73 -6.89 -20.19
N ILE B 117 8.70 -5.93 -19.26
CA ILE B 117 9.41 -4.68 -19.48
C ILE B 117 10.89 -4.96 -19.69
N ASN B 118 11.46 -5.79 -18.80
CA ASN B 118 12.89 -6.10 -18.90
C ASN B 118 13.20 -6.94 -20.13
N ALA B 119 12.29 -7.82 -20.57
CA ALA B 119 12.49 -8.57 -21.80
C ALA B 119 12.58 -7.63 -23.01
N VAL B 120 11.73 -6.61 -23.04
CA VAL B 120 11.79 -5.64 -24.13
C VAL B 120 13.10 -4.87 -24.07
N LYS B 121 13.49 -4.45 -22.87
CA LYS B 121 14.74 -3.74 -22.69
C LYS B 121 15.96 -4.52 -23.18
N LEU B 122 15.94 -5.83 -22.95
CA LEU B 122 17.01 -6.72 -23.34
C LEU B 122 16.93 -7.16 -24.80
N GLY B 123 15.91 -6.75 -25.53
CA GLY B 123 15.80 -7.13 -26.94
C GLY B 123 15.18 -8.49 -27.16
N LYS B 124 14.70 -9.12 -26.09
CA LYS B 124 14.16 -10.47 -26.21
C LYS B 124 12.73 -10.49 -26.74
N ALA B 125 12.00 -9.41 -26.52
CA ALA B 125 10.60 -9.32 -26.89
C ALA B 125 10.36 -8.02 -27.64
N PRO B 126 9.39 -7.98 -28.53
CA PRO B 126 9.02 -6.75 -29.22
C PRO B 126 8.36 -5.76 -28.29
N ALA B 127 8.35 -4.48 -28.65
CA ALA B 127 7.76 -3.43 -27.81
C ALA B 127 6.29 -3.64 -27.52
N SER B 128 5.55 -4.34 -28.38
CA SER B 128 4.16 -4.66 -28.12
C SER B 128 3.96 -5.58 -26.92
N SER B 129 5.02 -6.25 -26.46
CA SER B 129 5.00 -7.07 -25.26
C SER B 129 4.89 -6.24 -23.98
N LEU B 130 5.19 -4.94 -24.08
CA LEU B 130 5.09 -4.09 -22.90
C LEU B 130 3.67 -4.12 -22.38
N PRO B 131 3.48 -4.08 -21.06
CA PRO B 131 2.14 -4.05 -20.53
C PRO B 131 1.38 -2.80 -20.92
N ASP B 132 0.08 -2.95 -21.10
CA ASP B 132 -0.81 -1.81 -21.34
C ASP B 132 -0.99 -1.09 -20.00
N LEU B 133 -0.52 0.15 -19.89
CA LEU B 133 -0.52 0.94 -18.67
C LEU B 133 -1.18 2.28 -18.91
N PHE B 134 -1.75 2.86 -17.87
CA PHE B 134 -2.22 4.24 -18.00
C PHE B 134 -2.11 4.93 -16.64
N ALA B 135 -2.08 6.25 -16.68
CA ALA B 135 -2.23 7.06 -15.49
C ALA B 135 -3.20 8.18 -15.86
N ALA B 136 -4.07 8.55 -14.93
CA ALA B 136 -5.00 9.64 -15.15
C ALA B 136 -4.33 10.93 -14.69
N GLY B 137 -4.15 11.86 -15.62
CA GLY B 137 -3.65 13.17 -15.26
C GLY B 137 -4.67 13.97 -14.46
N HIS B 138 -4.21 15.08 -13.90
CA HIS B 138 -5.07 15.92 -13.07
C HIS B 138 -6.28 16.39 -13.87
N GLU B 139 -6.00 16.86 -15.08
CA GLU B 139 -7.03 17.43 -15.94
C GLU B 139 -8.08 16.39 -16.31
N ALA B 140 -7.60 15.20 -16.68
CA ALA B 140 -8.47 14.10 -17.04
C ALA B 140 -9.31 13.64 -15.84
N ALA B 141 -8.67 13.51 -14.69
CA ALA B 141 -9.34 13.06 -13.47
C ALA B 141 -10.41 14.05 -13.04
N TRP B 142 -10.19 15.34 -13.19
CA TRP B 142 -11.21 16.33 -12.82
C TRP B 142 -12.54 16.02 -13.50
N ALA B 143 -12.45 15.71 -14.80
CA ALA B 143 -13.65 15.40 -15.59
C ALA B 143 -14.21 14.03 -15.29
N ILE B 144 -13.36 13.01 -15.16
CA ILE B 144 -13.82 11.67 -14.83
C ILE B 144 -14.56 11.68 -13.50
N PHE B 145 -14.05 12.47 -12.54
CA PHE B 145 -14.65 12.51 -11.22
C PHE B 145 -15.82 13.47 -11.10
N ARG B 146 -16.05 14.25 -12.15
CA ARG B 146 -17.17 15.19 -12.23
C ARG B 146 -17.08 16.29 -11.20
N PHE B 147 -15.88 16.86 -11.01
CA PHE B 147 -15.72 17.97 -10.08
C PHE B 147 -16.21 19.28 -10.68
N GLY B 148 -16.23 19.38 -12.00
CA GLY B 148 -16.66 20.62 -12.66
C GLY B 148 -16.54 20.39 -14.17
N PRO B 149 -16.89 21.43 -14.93
CA PRO B 149 -16.99 21.32 -16.38
C PRO B 149 -15.68 21.13 -17.10
N ARG B 150 -14.59 21.61 -16.51
CA ARG B 150 -13.25 21.43 -17.06
C ARG B 150 -12.26 21.83 -15.98
N TYR B 151 -11.10 21.19 -15.90
CA TYR B 151 -10.12 21.57 -14.87
C TYR B 151 -9.68 22.99 -15.10
N PRO B 152 -9.45 23.75 -14.04
CA PRO B 152 -9.67 23.44 -12.64
C PRO B 152 -10.89 24.16 -12.08
N ASP B 153 -11.96 24.21 -12.87
CA ASP B 153 -13.19 24.90 -12.49
C ASP B 153 -14.16 23.92 -11.85
N ALA B 154 -14.56 24.22 -10.62
CA ALA B 154 -15.46 23.32 -9.90
C ALA B 154 -16.92 23.75 -9.98
N PHE B 155 -17.80 22.76 -9.92
CA PHE B 155 -19.23 23.07 -9.87
C PHE B 155 -19.39 23.82 -8.54
N LYS B 156 -20.30 24.82 -8.52
CA LYS B 156 -20.54 25.58 -7.31
C LYS B 156 -21.04 24.71 -6.15
N ASP B 157 -21.81 23.67 -6.42
CA ASP B 157 -22.37 22.83 -5.39
C ASP B 157 -21.60 21.53 -5.15
N THR B 158 -20.39 21.39 -5.70
CA THR B 158 -19.69 20.13 -5.51
C THR B 158 -19.51 19.83 -4.03
N GLN B 159 -19.69 18.55 -3.70
CA GLN B 159 -19.35 18.08 -2.36
C GLN B 159 -17.87 17.73 -2.25
N PHE B 160 -17.12 17.63 -3.36
CA PHE B 160 -15.72 17.22 -3.21
C PHE B 160 -14.93 18.36 -2.61
N PRO B 161 -14.00 18.10 -1.70
CA PRO B 161 -13.15 19.15 -1.13
C PRO B 161 -12.07 19.57 -2.10
N VAL B 162 -12.44 20.33 -3.13
CA VAL B 162 -11.57 20.74 -4.21
C VAL B 162 -10.38 21.56 -3.76
N GLN B 163 -10.43 22.19 -2.59
CA GLN B 163 -9.27 22.86 -2.04
C GLN B 163 -8.12 21.89 -1.78
N ALA B 164 -8.40 20.62 -1.63
CA ALA B 164 -7.45 19.56 -1.40
C ALA B 164 -7.18 18.75 -2.68
N GLN B 165 -7.36 19.37 -3.84
CA GLN B 165 -7.07 18.70 -5.10
C GLN B 165 -5.62 18.24 -5.18
N ALA B 166 -4.66 19.01 -4.70
CA ALA B 166 -3.26 18.58 -4.78
C ALA B 166 -3.03 17.28 -3.99
N GLU B 167 -3.69 17.16 -2.83
CA GLU B 167 -3.61 15.96 -2.03
C GLU B 167 -4.28 14.80 -2.74
N LEU B 168 -5.43 14.99 -3.39
CA LEU B 168 -6.00 13.92 -4.16
C LEU B 168 -5.00 13.42 -5.21
N TRP B 169 -4.34 14.35 -5.91
CA TRP B 169 -3.40 13.91 -6.95
C TRP B 169 -2.28 13.07 -6.36
N GLN B 170 -1.88 13.36 -5.13
CA GLN B 170 -0.84 12.55 -4.50
C GLN B 170 -1.24 11.10 -4.34
N GLN B 171 -2.52 10.76 -4.18
CA GLN B 171 -2.89 9.36 -3.99
C GLN B 171 -3.14 8.60 -5.28
N MET B 172 -3.07 9.28 -6.43
CA MET B 172 -3.33 8.64 -7.71
C MET B 172 -2.06 8.00 -8.24
N VAL B 173 -2.23 6.81 -8.84
CA VAL B 173 -1.12 5.98 -9.26
C VAL B 173 -1.37 5.39 -10.62
N PRO B 174 -0.31 4.94 -11.31
CA PRO B 174 -0.48 4.19 -12.54
C PRO B 174 -1.28 2.90 -12.34
N ASP B 175 -1.97 2.55 -13.41
CA ASP B 175 -2.93 1.45 -13.43
C ASP B 175 -2.53 0.41 -14.46
N TRP B 176 -2.36 -0.82 -13.98
CA TRP B 176 -1.91 -1.94 -14.78
C TRP B 176 -3.08 -2.83 -15.22
N LEU B 177 -4.33 -2.43 -15.05
CA LEU B 177 -5.47 -3.23 -15.41
C LEU B 177 -5.36 -3.93 -16.75
N GLY B 178 -5.03 -3.16 -17.79
CA GLY B 178 -5.10 -3.63 -19.16
C GLY B 178 -4.10 -4.71 -19.49
N SER B 179 -3.10 -4.90 -18.65
CA SER B 179 -2.08 -5.92 -18.86
C SER B 179 -2.40 -7.23 -18.15
N MET B 180 -3.50 -7.32 -17.43
CA MET B 180 -3.96 -8.54 -16.77
C MET B 180 -5.20 -9.01 -17.55
N PRO B 181 -5.59 -10.27 -17.40
CA PRO B 181 -6.77 -10.79 -18.05
C PRO B 181 -8.05 -10.21 -17.47
N THR B 182 -9.15 -10.56 -18.12
CA THR B 182 -10.50 -10.22 -17.71
C THR B 182 -11.27 -11.53 -17.62
N PRO B 183 -11.92 -11.81 -16.50
CA PRO B 183 -11.93 -11.00 -15.31
C PRO B 183 -10.57 -10.78 -14.67
N ASN B 184 -10.40 -9.60 -14.08
CA ASN B 184 -9.14 -9.26 -13.44
C ASN B 184 -8.86 -10.30 -12.36
N PRO B 185 -7.59 -10.59 -12.04
CA PRO B 185 -7.23 -11.53 -10.97
C PRO B 185 -7.80 -11.18 -9.62
N THR B 186 -8.15 -9.91 -9.39
CA THR B 186 -8.79 -9.51 -8.16
C THR B 186 -10.08 -10.29 -7.95
N VAL B 187 -10.81 -10.58 -9.01
CA VAL B 187 -12.10 -11.27 -8.91
C VAL B 187 -11.99 -12.62 -8.23
N ALA B 188 -11.09 -13.50 -8.71
CA ALA B 188 -10.90 -14.80 -8.07
C ALA B 188 -10.39 -14.62 -6.65
N ASN B 189 -9.54 -13.62 -6.41
CA ASN B 189 -9.05 -13.39 -5.05
C ASN B 189 -10.17 -12.94 -4.11
N LEU B 190 -11.15 -12.17 -4.61
CA LEU B 190 -12.28 -11.79 -3.77
C LEU B 190 -13.11 -13.01 -3.40
N SER B 191 -13.24 -13.98 -4.31
CA SER B 191 -13.94 -15.21 -3.96
C SER B 191 -13.22 -15.94 -2.84
N LYS B 192 -11.89 -16.08 -2.99
CA LYS B 192 -11.12 -16.74 -1.94
C LYS B 192 -11.29 -16.04 -0.61
N LEU B 193 -11.24 -14.70 -0.62
CA LEU B 193 -11.41 -13.95 0.61
C LEU B 193 -12.81 -14.14 1.20
N ALA B 194 -13.86 -14.07 0.38
CA ALA B 194 -15.22 -14.25 0.88
C ALA B 194 -15.42 -15.62 1.51
N ILE B 195 -14.85 -16.64 0.89
CA ILE B 195 -14.94 -18.00 1.43
C ILE B 195 -14.17 -18.10 2.74
N LYS B 196 -12.98 -17.52 2.80
CA LYS B 196 -12.20 -17.51 4.04
C LYS B 196 -12.97 -16.85 5.18
N LEU B 197 -13.62 -15.73 4.88
CA LEU B 197 -14.37 -14.99 5.89
C LEU B 197 -15.68 -15.66 6.23
N ASP B 198 -16.21 -16.47 5.33
CA ASP B 198 -17.49 -17.13 5.49
C ASP B 198 -18.60 -16.08 5.51
N GLY B 199 -18.52 -15.12 4.59
CA GLY B 199 -19.56 -14.12 4.50
C GLY B 199 -19.04 -12.70 4.63
N THR B 200 -19.08 -11.95 3.54
CA THR B 200 -18.69 -10.55 3.56
C THR B 200 -19.58 -9.79 2.58
N VAL B 201 -19.76 -8.52 2.89
CA VAL B 201 -20.34 -7.58 1.95
C VAL B 201 -19.21 -7.04 1.07
N LEU B 202 -19.33 -7.13 -0.23
CA LEU B 202 -18.36 -6.59 -1.16
C LEU B 202 -18.79 -5.20 -1.59
N LEU B 203 -17.95 -4.20 -1.37
CA LEU B 203 -18.22 -2.81 -1.71
C LEU B 203 -17.15 -2.35 -2.69
N SER B 204 -17.55 -2.03 -3.90
CA SER B 204 -16.61 -1.68 -4.96
C SER B 204 -16.91 -0.31 -5.55
N HIS B 205 -16.04 0.10 -6.46
CA HIS B 205 -16.08 1.46 -7.01
C HIS B 205 -15.60 1.49 -8.45
N SER B 206 -16.37 2.06 -9.36
CA SER B 206 -15.92 2.40 -10.71
C SER B 206 -15.28 1.27 -11.49
N GLN B 207 -13.99 1.25 -11.79
CA GLN B 207 -13.36 0.13 -12.49
C GLN B 207 -13.65 -1.21 -11.81
N SER B 208 -13.70 -1.23 -10.48
CA SER B 208 -13.96 -2.48 -9.79
C SER B 208 -15.45 -2.70 -9.55
N GLY B 209 -16.29 -1.79 -10.04
CA GLY B 209 -17.73 -1.89 -9.87
C GLY B 209 -18.26 -3.24 -10.30
N ILE B 210 -17.77 -3.78 -11.42
CA ILE B 210 -18.23 -5.05 -11.95
C ILE B 210 -17.67 -6.25 -11.19
N TYR B 211 -16.54 -6.06 -10.49
CA TYR B 211 -15.87 -7.18 -9.87
C TYR B 211 -16.73 -8.05 -8.97
N PRO B 212 -17.49 -7.51 -8.03
CA PRO B 212 -18.24 -8.39 -7.13
C PRO B 212 -19.22 -9.27 -7.89
N PHE B 213 -19.79 -8.73 -8.98
CA PHE B 213 -20.73 -9.52 -9.76
C PHE B 213 -20.03 -10.65 -10.49
N GLN B 214 -18.82 -10.38 -11.01
CA GLN B 214 -18.02 -11.43 -11.63
C GLN B 214 -17.60 -12.48 -10.60
N THR B 215 -17.28 -12.02 -9.38
CA THR B 215 -16.94 -12.95 -8.31
C THR B 215 -18.11 -13.89 -8.01
N ALA B 216 -19.31 -13.31 -7.85
CA ALA B 216 -20.49 -14.12 -7.54
C ALA B 216 -20.84 -15.09 -8.65
N ALA B 217 -20.63 -14.68 -9.90
CA ALA B 217 -20.87 -15.60 -11.03
C ALA B 217 -19.89 -16.76 -10.99
N MET B 218 -18.65 -16.51 -10.57
CA MET B 218 -17.65 -17.56 -10.44
C MET B 218 -18.03 -18.52 -9.33
N ASN B 219 -18.40 -17.97 -8.18
CA ASN B 219 -18.78 -18.74 -7.01
C ASN B 219 -19.51 -17.83 -6.04
N PRO B 220 -20.77 -18.12 -5.74
CA PRO B 220 -21.52 -17.23 -4.86
C PRO B 220 -21.20 -17.42 -3.39
N LYS B 221 -20.39 -18.43 -3.04
CA LYS B 221 -20.15 -18.73 -1.64
C LYS B 221 -19.50 -17.56 -0.92
N GLY B 222 -20.06 -17.22 0.23
CA GLY B 222 -19.51 -16.17 1.08
C GLY B 222 -19.84 -14.75 0.68
N ILE B 223 -20.64 -14.55 -0.37
CA ILE B 223 -20.96 -13.20 -0.81
C ILE B 223 -22.32 -12.85 -0.23
N THR B 224 -22.32 -12.05 0.82
CA THR B 224 -23.54 -11.74 1.56
C THR B 224 -24.38 -10.68 0.89
N ALA B 225 -23.75 -9.68 0.33
CA ALA B 225 -24.42 -8.57 -0.34
C ALA B 225 -23.37 -7.85 -1.18
N ILE B 226 -23.82 -7.07 -2.15
CA ILE B 226 -22.93 -6.30 -3.00
C ILE B 226 -23.38 -4.84 -3.02
N VAL B 227 -22.42 -3.95 -2.82
CA VAL B 227 -22.63 -2.53 -2.92
C VAL B 227 -21.64 -2.05 -3.99
N SER B 228 -22.11 -1.41 -5.05
CA SER B 228 -21.25 -0.95 -6.15
C SER B 228 -21.44 0.55 -6.29
N VAL B 229 -20.40 1.34 -6.05
CA VAL B 229 -20.46 2.79 -6.15
C VAL B 229 -20.00 3.22 -7.52
N GLU B 230 -20.94 3.79 -8.29
CA GLU B 230 -20.67 4.29 -9.62
C GLU B 230 -19.83 3.34 -10.45
N PRO B 231 -20.37 2.16 -10.68
CA PRO B 231 -19.67 1.17 -11.49
C PRO B 231 -19.47 1.60 -12.92
N GLY B 232 -18.31 1.26 -13.48
CA GLY B 232 -18.04 1.50 -14.89
C GLY B 232 -18.90 0.59 -15.76
N GLU B 233 -19.20 -0.62 -15.30
CA GLU B 233 -20.07 -1.55 -15.97
C GLU B 233 -20.90 -2.27 -14.89
N CYS B 234 -22.15 -2.56 -15.23
CA CYS B 234 -23.01 -3.44 -14.46
C CYS B 234 -23.21 -4.70 -15.32
N PRO B 235 -23.60 -5.82 -14.74
CA PRO B 235 -23.90 -7.00 -15.52
C PRO B 235 -24.96 -6.73 -16.58
N LYS B 236 -24.86 -7.50 -17.66
CA LYS B 236 -25.90 -7.42 -18.68
C LYS B 236 -27.21 -7.94 -18.07
N PRO B 237 -28.34 -7.42 -18.53
CA PRO B 237 -29.63 -7.91 -18.04
C PRO B 237 -29.81 -9.41 -18.23
N GLU B 238 -29.22 -10.00 -19.29
CA GLU B 238 -29.34 -11.43 -19.53
C GLU B 238 -28.57 -12.27 -18.51
N ASP B 239 -27.68 -11.68 -17.73
CA ASP B 239 -26.81 -12.42 -16.82
C ASP B 239 -27.23 -12.31 -15.37
N VAL B 240 -28.49 -11.95 -15.08
CA VAL B 240 -28.92 -11.78 -13.69
C VAL B 240 -29.21 -13.03 -12.90
N LYS B 241 -29.54 -14.15 -13.54
CA LYS B 241 -29.91 -15.38 -12.89
C LYS B 241 -29.02 -15.82 -11.75
N PRO B 242 -27.70 -15.82 -11.91
CA PRO B 242 -26.78 -16.22 -10.85
C PRO B 242 -26.73 -15.30 -9.66
N LEU B 243 -27.37 -14.12 -9.73
CA LEU B 243 -27.30 -13.10 -8.71
C LEU B 243 -28.56 -12.90 -7.92
N THR B 244 -29.60 -13.70 -8.18
CA THR B 244 -30.90 -13.47 -7.58
C THR B 244 -30.99 -13.72 -6.08
N SER B 245 -29.99 -14.33 -5.45
CA SER B 245 -30.03 -14.51 -4.01
C SER B 245 -29.11 -13.58 -3.26
N ILE B 246 -28.47 -12.63 -3.93
CA ILE B 246 -27.54 -11.71 -3.29
C ILE B 246 -28.10 -10.30 -3.41
N PRO B 247 -28.45 -9.66 -2.31
CA PRO B 247 -28.97 -8.29 -2.39
C PRO B 247 -27.90 -7.36 -2.98
N VAL B 248 -28.35 -6.44 -3.82
CA VAL B 248 -27.48 -5.53 -4.53
C VAL B 248 -27.90 -4.08 -4.40
N LEU B 249 -26.95 -3.21 -4.11
CA LEU B 249 -27.14 -1.79 -4.02
C LEU B 249 -26.14 -1.12 -4.98
N VAL B 250 -26.61 -0.32 -5.91
CA VAL B 250 -25.77 0.45 -6.83
C VAL B 250 -26.00 1.91 -6.49
N VAL B 251 -24.96 2.69 -6.23
CA VAL B 251 -25.08 4.08 -5.84
C VAL B 251 -24.49 5.03 -6.85
N PHE B 252 -25.26 6.06 -7.22
CA PHE B 252 -24.80 7.10 -8.12
C PHE B 252 -24.99 8.48 -7.48
N GLY B 253 -24.03 9.35 -7.76
CA GLY B 253 -24.03 10.71 -7.28
C GLY B 253 -24.65 11.70 -8.25
N ASP B 254 -24.11 12.90 -8.31
CA ASP B 254 -24.72 14.01 -9.02
C ASP B 254 -23.89 14.46 -10.19
N HIS B 255 -24.45 15.39 -10.96
CA HIS B 255 -23.87 15.92 -12.17
C HIS B 255 -23.62 14.83 -13.21
N ILE B 256 -24.49 13.81 -13.23
CA ILE B 256 -24.28 12.69 -14.14
C ILE B 256 -24.61 13.03 -15.58
N GLU B 257 -25.76 13.71 -15.77
CA GLU B 257 -26.31 13.86 -17.13
C GLU B 257 -25.41 14.68 -18.02
N GLU B 258 -24.59 15.59 -17.52
CA GLU B 258 -23.74 16.41 -18.39
C GLU B 258 -22.43 15.74 -18.78
N PHE B 259 -22.15 14.53 -18.31
CA PHE B 259 -20.90 13.84 -18.70
C PHE B 259 -21.25 12.62 -19.53
N PRO B 260 -20.86 12.58 -20.80
CA PRO B 260 -21.11 11.42 -21.64
C PRO B 260 -20.43 10.14 -21.17
N ARG B 261 -19.40 10.22 -20.33
CA ARG B 261 -18.79 9.01 -19.78
C ARG B 261 -19.78 8.34 -18.82
N TRP B 262 -20.58 9.14 -18.11
CA TRP B 262 -21.37 8.66 -17.00
C TRP B 262 -22.86 8.48 -17.25
N ALA B 263 -23.47 9.33 -18.07
CA ALA B 263 -24.90 9.19 -18.35
C ALA B 263 -25.29 7.80 -18.80
N PRO B 264 -24.58 7.15 -19.74
CA PRO B 264 -24.97 5.83 -20.19
C PRO B 264 -24.76 4.75 -19.15
N ARG B 265 -23.81 4.97 -18.23
CA ARG B 265 -23.53 3.98 -17.18
C ARG B 265 -24.66 3.90 -16.17
N LEU B 266 -25.21 5.06 -15.81
CA LEU B 266 -26.37 5.09 -14.92
C LEU B 266 -27.54 4.38 -15.57
N LYS B 267 -27.81 4.65 -16.85
CA LYS B 267 -28.87 3.99 -17.59
C LYS B 267 -28.72 2.48 -17.65
N ALA B 268 -27.51 2.04 -18.00
CA ALA B 268 -27.22 0.61 -18.10
C ALA B 268 -27.39 -0.08 -16.76
N CYS B 269 -26.98 0.60 -15.67
CA CYS B 269 -27.16 0.00 -14.35
C CYS B 269 -28.62 -0.12 -13.97
N HIS B 270 -29.46 0.82 -14.38
CA HIS B 270 -30.90 0.64 -14.16
C HIS B 270 -31.41 -0.60 -14.89
N ALA B 271 -30.95 -0.81 -16.12
CA ALA B 271 -31.42 -1.99 -16.88
C ALA B 271 -31.08 -3.28 -16.15
N PHE B 272 -29.86 -3.33 -15.61
CA PHE B 272 -29.42 -4.46 -14.79
C PHE B 272 -30.30 -4.62 -13.56
N ILE B 273 -30.47 -3.55 -12.78
CA ILE B 273 -31.24 -3.65 -11.54
C ILE B 273 -32.68 -4.06 -11.82
N ASP B 274 -33.28 -3.49 -12.86
CA ASP B 274 -34.67 -3.83 -13.19
C ASP B 274 -34.76 -5.29 -13.61
N ALA B 275 -33.80 -5.78 -14.40
CA ALA B 275 -33.79 -7.18 -14.81
C ALA B 275 -33.63 -8.09 -13.60
N LEU B 276 -32.74 -7.69 -12.67
CA LEU B 276 -32.50 -8.47 -11.47
C LEU B 276 -33.79 -8.63 -10.65
N ASN B 277 -34.48 -7.52 -10.44
CA ASN B 277 -35.75 -7.55 -9.70
C ASN B 277 -36.83 -8.35 -10.43
N ALA B 278 -36.86 -8.24 -11.76
CA ALA B 278 -37.87 -8.98 -12.53
C ALA B 278 -37.63 -10.48 -12.43
N ALA B 279 -36.38 -10.89 -12.26
CA ALA B 279 -35.99 -12.28 -12.14
C ALA B 279 -36.11 -12.83 -10.72
N GLY B 280 -36.58 -12.03 -9.77
CA GLY B 280 -36.77 -12.48 -8.41
C GLY B 280 -35.66 -12.08 -7.47
N GLY B 281 -34.70 -11.30 -7.94
CA GLY B 281 -33.62 -10.81 -7.10
C GLY B 281 -34.07 -9.58 -6.32
N LYS B 282 -33.09 -8.95 -5.68
CA LYS B 282 -33.33 -7.77 -4.88
C LYS B 282 -32.23 -6.76 -5.16
N GLY B 283 -32.55 -5.77 -5.96
CA GLY B 283 -31.62 -4.72 -6.34
C GLY B 283 -32.21 -3.35 -6.18
N GLN B 284 -31.37 -2.40 -5.84
CA GLN B 284 -31.76 -1.02 -5.70
C GLN B 284 -30.70 -0.14 -6.36
N LEU B 285 -31.12 0.82 -7.14
CA LEU B 285 -30.25 1.85 -7.67
C LEU B 285 -30.57 3.12 -6.87
N MET B 286 -29.65 3.51 -6.01
CA MET B 286 -29.76 4.69 -5.19
C MET B 286 -29.10 5.87 -5.90
N SER B 287 -29.91 6.80 -6.38
CA SER B 287 -29.44 8.03 -6.99
C SER B 287 -29.55 9.08 -5.88
N LEU B 288 -28.41 9.58 -5.43
CA LEU B 288 -28.39 10.54 -4.33
C LEU B 288 -29.29 11.74 -4.55
N PRO B 289 -29.29 12.38 -5.72
CA PRO B 289 -30.18 13.52 -5.93
C PRO B 289 -31.63 13.19 -5.70
N ALA B 290 -32.12 12.00 -6.00
CA ALA B 290 -33.51 11.61 -5.77
C ALA B 290 -33.84 11.56 -4.28
N LEU B 291 -32.83 11.42 -3.43
CA LEU B 291 -33.00 11.45 -1.98
C LEU B 291 -32.82 12.84 -1.42
N GLY B 292 -32.62 13.86 -2.25
CA GLY B 292 -32.38 15.21 -1.77
C GLY B 292 -30.95 15.47 -1.37
N VAL B 293 -30.03 14.65 -1.86
CA VAL B 293 -28.60 14.79 -1.54
C VAL B 293 -27.90 15.21 -2.83
N HIS B 294 -27.40 16.44 -2.87
CA HIS B 294 -26.90 17.03 -4.11
C HIS B 294 -25.41 17.29 -4.08
N GLY B 295 -24.83 17.29 -5.29
CA GLY B 295 -23.46 17.68 -5.52
C GLY B 295 -22.41 16.59 -5.37
N ASN B 296 -22.76 15.35 -5.08
CA ASN B 296 -21.74 14.32 -4.92
C ASN B 296 -20.99 14.04 -6.21
N SER B 297 -19.69 13.92 -6.01
CA SER B 297 -18.78 13.58 -7.09
C SER B 297 -18.67 12.06 -7.22
N HIS B 298 -17.84 11.63 -8.18
CA HIS B 298 -17.54 10.21 -8.31
C HIS B 298 -16.83 9.71 -7.05
N MET B 299 -16.06 10.59 -6.41
CA MET B 299 -15.31 10.24 -5.20
C MET B 299 -16.13 10.48 -3.95
N MET B 300 -17.37 9.95 -3.93
CA MET B 300 -18.33 10.30 -2.90
C MET B 300 -17.89 9.83 -1.52
N MET B 301 -17.04 8.81 -1.44
CA MET B 301 -16.49 8.37 -0.16
C MET B 301 -15.50 9.38 0.42
N GLN B 302 -15.06 10.37 -0.37
CA GLN B 302 -14.15 11.40 0.09
C GLN B 302 -14.84 12.77 0.15
N ASP B 303 -16.09 12.84 -0.29
CA ASP B 303 -16.82 14.11 -0.34
C ASP B 303 -17.08 14.66 1.05
N ARG B 304 -17.50 15.93 1.12
CA ARG B 304 -17.72 16.59 2.40
C ARG B 304 -18.88 15.99 3.18
N ASN B 305 -19.85 15.41 2.48
CA ASN B 305 -20.94 14.68 3.13
C ASN B 305 -20.73 13.17 3.06
N ASN B 306 -19.46 12.74 3.06
CA ASN B 306 -19.19 11.31 2.96
C ASN B 306 -19.81 10.47 4.06
N LEU B 307 -20.04 11.00 5.26
CA LEU B 307 -20.64 10.19 6.31
C LEU B 307 -22.14 10.10 6.13
N GLN B 308 -22.77 11.11 5.53
CA GLN B 308 -24.19 11.02 5.18
C GLN B 308 -24.38 9.92 4.15
N VAL B 309 -23.50 9.86 3.15
CA VAL B 309 -23.56 8.80 2.15
C VAL B 309 -23.29 7.43 2.78
N ALA B 310 -22.28 7.36 3.65
CA ALA B 310 -22.00 6.11 4.35
C ALA B 310 -23.22 5.61 5.13
N ASP B 311 -23.90 6.53 5.81
CA ASP B 311 -25.07 6.11 6.59
C ASP B 311 -26.18 5.53 5.73
N LEU B 312 -26.40 6.09 4.54
CA LEU B 312 -27.38 5.53 3.61
C LEU B 312 -26.99 4.10 3.23
N ILE B 313 -25.71 3.88 2.94
CA ILE B 313 -25.25 2.55 2.57
C ILE B 313 -25.33 1.58 3.74
N LEU B 314 -24.87 2.01 4.91
CA LEU B 314 -24.87 1.11 6.07
C LEU B 314 -26.32 0.77 6.49
N ASP B 315 -27.25 1.71 6.35
CA ASP B 315 -28.65 1.43 6.67
C ASP B 315 -29.15 0.35 5.72
N TRP B 316 -28.81 0.46 4.43
CA TRP B 316 -29.19 -0.58 3.48
C TRP B 316 -28.58 -1.92 3.83
N ILE B 317 -27.29 -1.93 4.17
CA ILE B 317 -26.61 -3.17 4.53
C ILE B 317 -27.31 -3.82 5.73
N GLY B 318 -27.63 -3.01 6.74
CA GLY B 318 -28.32 -3.52 7.92
C GLY B 318 -29.66 -4.17 7.59
N ARG B 319 -30.42 -3.58 6.66
CA ARG B 319 -31.71 -4.12 6.28
C ARG B 319 -31.62 -5.35 5.37
N ASN B 320 -30.48 -5.54 4.70
CA ASN B 320 -30.33 -6.63 3.75
C ASN B 320 -29.35 -7.70 4.17
N THR B 321 -28.98 -7.72 5.45
CA THR B 321 -28.07 -8.70 6.00
C THR B 321 -28.73 -9.37 7.21
#